data_7SO0
#
_entry.id   7SO0
#
_cell.length_a   36.785
_cell.length_b   36.785
_cell.length_c   108.682
_cell.angle_alpha   90.000
_cell.angle_beta   90.000
_cell.angle_gamma   120.000
#
_symmetry.space_group_name_H-M   'P 32'
#
loop_
_entity.id
_entity.type
_entity.pdbx_description
1 polymer 'Evasin P974'
2 polymer 'C-C motif chemokine 2'
3 water water
#
loop_
_entity_poly.entity_id
_entity_poly.type
_entity_poly.pdbx_seq_one_letter_code
_entity_poly.pdbx_strand_id
1 'polypeptide(L)'
;DYDYGTDTCPFPVLANKTNKAKAVGCHQKCNGGDQKLTDGTACYVVERKVWDRMTPMLWYECPLGECKNGVCEDLRKKED
CRKGN
;
A
2 'polypeptide(L)' QPDAINAAVTCCYNFTNRKISVQRLASYRRITSSKCPKEAVIFKTIVAKEICADPKQKWVQDSMDHLDKQTQTPKT B
#
# COMPACT_ATOMS: atom_id res chain seq x y z
N TYR A 2 -10.90 -9.42 15.55
CA TYR A 2 -10.93 -8.29 14.63
C TYR A 2 -9.95 -8.49 13.49
N ASP A 3 -10.27 -9.42 12.60
CA ASP A 3 -9.33 -9.86 11.58
C ASP A 3 -9.59 -9.15 10.25
N TYR A 4 -8.54 -9.04 9.46
CA TYR A 4 -8.58 -8.41 8.16
C TYR A 4 -7.89 -9.32 7.15
N GLY A 5 -8.32 -9.24 5.90
CA GLY A 5 -7.78 -10.13 4.89
C GLY A 5 -6.28 -9.93 4.72
N THR A 6 -5.59 -11.02 4.39
CA THR A 6 -4.15 -10.90 4.20
C THR A 6 -3.78 -10.14 2.92
N ASP A 7 -4.75 -9.80 2.07
CA ASP A 7 -4.44 -9.04 0.86
C ASP A 7 -4.76 -7.55 1.00
N THR A 8 -5.02 -7.08 2.22
CA THR A 8 -5.50 -5.71 2.42
C THR A 8 -4.44 -4.76 2.96
N CYS A 9 -3.20 -5.21 3.16
CA CYS A 9 -2.20 -4.29 3.65
C CYS A 9 -1.64 -3.44 2.52
N PRO A 10 -1.31 -2.18 2.79
CA PRO A 10 -0.55 -1.40 1.80
C PRO A 10 0.80 -2.05 1.56
N PHE A 11 1.29 -1.92 0.33
CA PHE A 11 2.48 -2.62 -0.10
C PHE A 11 3.55 -1.63 -0.56
N PRO A 12 4.81 -1.79 -0.12
CA PRO A 12 5.86 -0.86 -0.54
C PRO A 12 6.09 -0.92 -2.04
N VAL A 13 6.30 0.26 -2.63
CA VAL A 13 6.49 0.39 -4.07
C VAL A 13 7.64 1.35 -4.36
N LEU A 14 8.09 1.30 -5.60
CA LEU A 14 9.05 2.26 -6.15
C LEU A 14 8.47 2.80 -7.45
N ALA A 15 8.57 4.12 -7.62
CA ALA A 15 8.10 4.76 -8.84
C ALA A 15 9.20 4.72 -9.90
N ASN A 16 8.80 4.93 -11.15
CA ASN A 16 9.73 4.87 -12.27
C ASN A 16 9.34 5.97 -13.26
N LYS A 17 9.92 5.89 -14.47
CA LYS A 17 9.56 6.84 -15.52
C LYS A 17 8.28 6.46 -16.27
N THR A 18 7.66 5.33 -15.94
CA THR A 18 6.36 5.02 -16.53
C THR A 18 5.27 5.63 -15.66
N ASN A 19 4.01 5.36 -16.01
CA ASN A 19 2.88 5.91 -15.28
C ASN A 19 2.47 5.06 -14.09
N LYS A 20 3.13 3.93 -13.82
CA LYS A 20 2.75 3.06 -12.72
C LYS A 20 3.96 2.63 -11.93
N ALA A 21 3.87 2.72 -10.61
CA ALA A 21 4.89 2.20 -9.73
C ALA A 21 4.85 0.67 -9.71
N LYS A 22 5.88 0.07 -9.14
CA LYS A 22 5.98 -1.38 -9.07
C LYS A 22 6.30 -1.82 -7.66
N ALA A 23 5.90 -3.05 -7.35
CA ALA A 23 6.05 -3.58 -6.00
C ALA A 23 7.51 -3.86 -5.65
N VAL A 24 7.84 -3.62 -4.37
CA VAL A 24 9.13 -4.01 -3.83
C VAL A 24 9.01 -5.45 -3.35
N GLY A 25 9.52 -6.38 -4.15
CA GLY A 25 9.29 -7.79 -3.87
C GLY A 25 7.84 -8.15 -4.14
N CYS A 26 7.49 -9.39 -3.81
CA CYS A 26 6.15 -9.89 -4.12
C CYS A 26 5.42 -10.45 -2.91
N HIS A 27 5.97 -10.31 -1.71
CA HIS A 27 5.28 -10.82 -0.54
C HIS A 27 5.71 -10.03 0.69
N GLN A 28 4.83 -10.04 1.69
CA GLN A 28 5.12 -9.44 2.99
C GLN A 28 4.13 -10.01 4.00
N LYS A 29 4.49 -9.90 5.27
CA LYS A 29 3.54 -10.26 6.32
C LYS A 29 2.38 -9.28 6.31
N CYS A 30 1.18 -9.80 6.47
CA CYS A 30 -0.02 -8.96 6.46
C CYS A 30 -1.10 -9.65 7.28
N ASN A 31 -1.50 -9.02 8.38
CA ASN A 31 -2.61 -9.48 9.20
C ASN A 31 -2.44 -10.94 9.62
N GLY A 32 -1.22 -11.29 10.03
CA GLY A 32 -0.93 -12.62 10.53
C GLY A 32 -0.63 -13.66 9.47
N GLY A 33 -0.71 -13.31 8.19
CA GLY A 33 -0.45 -14.26 7.12
C GLY A 33 0.50 -13.72 6.07
N ASP A 34 0.65 -14.47 4.98
CA ASP A 34 1.58 -14.11 3.91
C ASP A 34 0.80 -13.48 2.76
N GLN A 35 0.98 -12.17 2.57
CA GLN A 35 0.40 -11.45 1.45
C GLN A 35 1.28 -11.67 0.22
N LYS A 36 0.83 -12.52 -0.70
CA LYS A 36 1.51 -12.74 -1.97
C LYS A 36 0.78 -11.96 -3.05
N LEU A 37 1.50 -11.10 -3.77
CA LEU A 37 0.86 -10.39 -4.86
C LEU A 37 0.51 -11.37 -5.99
N THR A 38 -0.47 -10.98 -6.80
CA THR A 38 -0.94 -11.86 -7.85
C THR A 38 0.16 -12.16 -8.86
N ASP A 39 0.21 -13.41 -9.31
CA ASP A 39 1.13 -13.81 -10.37
C ASP A 39 1.05 -12.85 -11.55
N GLY A 40 2.21 -12.44 -12.04
CA GLY A 40 2.29 -11.52 -13.15
C GLY A 40 2.38 -10.05 -12.76
N THR A 41 2.24 -9.74 -11.47
CA THR A 41 2.43 -8.38 -11.01
C THR A 41 3.87 -7.93 -11.29
N ALA A 42 4.01 -6.70 -11.76
CA ALA A 42 5.34 -6.12 -11.97
C ALA A 42 5.96 -5.76 -10.63
N CYS A 43 7.25 -6.04 -10.50
CA CYS A 43 7.93 -5.87 -9.22
C CYS A 43 9.40 -5.53 -9.47
N TYR A 44 10.06 -5.09 -8.41
CA TYR A 44 11.50 -4.91 -8.39
C TYR A 44 12.13 -5.93 -7.45
N VAL A 45 13.28 -6.47 -7.86
CA VAL A 45 13.98 -7.49 -7.06
C VAL A 45 14.83 -6.73 -6.07
N VAL A 46 14.15 -6.17 -5.06
CA VAL A 46 14.77 -5.32 -4.06
C VAL A 46 14.27 -5.74 -2.70
N GLU A 47 15.18 -5.95 -1.75
CA GLU A 47 14.74 -6.38 -0.43
C GLU A 47 14.22 -5.18 0.36
N ARG A 48 13.19 -5.45 1.17
CA ARG A 48 12.55 -4.40 1.97
C ARG A 48 13.55 -3.62 2.81
N LYS A 49 14.51 -4.33 3.37
CA LYS A 49 15.56 -3.74 4.20
C LYS A 49 16.46 -2.80 3.41
N VAL A 50 16.70 -3.09 2.13
CA VAL A 50 17.40 -2.13 1.28
C VAL A 50 16.47 -0.96 0.95
N TRP A 51 15.22 -1.26 0.61
CA TRP A 51 14.24 -0.22 0.30
C TRP A 51 14.06 0.74 1.48
N ASP A 52 14.09 0.20 2.71
CA ASP A 52 13.91 1.05 3.89
C ASP A 52 14.94 2.17 3.97
N ARG A 53 16.15 1.92 3.48
CA ARG A 53 17.24 2.87 3.60
C ARG A 53 17.61 3.52 2.27
N MET A 54 16.82 3.30 1.22
CA MET A 54 17.05 4.06 -0.01
C MET A 54 16.79 5.54 0.23
N THR A 55 17.67 6.35 -0.30
CA THR A 55 17.51 7.79 -0.22
C THR A 55 16.31 8.21 -1.05
N PRO A 56 15.31 8.87 -0.47
CA PRO A 56 14.17 9.31 -1.28
C PRO A 56 14.60 10.29 -2.36
N MET A 57 13.78 10.36 -3.40
CA MET A 57 13.95 11.29 -4.53
C MET A 57 15.04 10.87 -5.51
N LEU A 58 16.17 10.37 -5.02
CA LEU A 58 17.26 10.03 -5.93
C LEU A 58 16.92 8.81 -6.78
N TRP A 59 17.32 8.87 -8.04
CA TRP A 59 17.11 7.76 -8.95
C TRP A 59 18.16 6.68 -8.72
N TYR A 60 17.68 5.46 -8.58
CA TYR A 60 18.51 4.27 -8.51
C TYR A 60 18.34 3.49 -9.80
N GLU A 61 19.15 2.45 -9.94
CA GLU A 61 18.84 1.46 -10.95
C GLU A 61 18.29 0.20 -10.29
N CYS A 62 17.09 -0.19 -10.70
CA CYS A 62 16.39 -1.28 -10.08
C CYS A 62 16.35 -2.47 -11.02
N PRO A 63 16.49 -3.67 -10.46
CA PRO A 63 16.26 -4.88 -11.25
C PRO A 63 14.78 -5.17 -11.38
N LEU A 64 14.31 -5.25 -12.62
CA LEU A 64 12.91 -5.55 -12.92
C LEU A 64 12.63 -7.03 -12.69
N GLY A 65 11.40 -7.32 -12.28
CA GLY A 65 10.96 -8.69 -12.14
C GLY A 65 9.46 -8.87 -12.34
N GLU A 66 9.01 -10.11 -12.19
CA GLU A 66 7.60 -10.47 -12.31
C GLU A 66 7.24 -11.44 -11.20
N CYS A 67 6.14 -11.18 -10.50
CA CYS A 67 5.75 -12.03 -9.39
C CYS A 67 5.29 -13.40 -9.87
N LYS A 68 5.78 -14.43 -9.20
CA LYS A 68 5.25 -15.79 -9.34
C LYS A 68 5.33 -16.46 -7.98
N ASN A 69 4.17 -16.90 -7.47
CA ASN A 69 4.06 -17.50 -6.15
C ASN A 69 4.74 -16.66 -5.06
N GLY A 70 4.55 -15.35 -5.15
CA GLY A 70 5.05 -14.46 -4.12
C GLY A 70 6.53 -14.17 -4.18
N VAL A 71 7.21 -14.54 -5.25
CA VAL A 71 8.64 -14.26 -5.43
C VAL A 71 8.78 -13.37 -6.66
N CYS A 72 9.59 -12.32 -6.53
CA CYS A 72 9.87 -11.44 -7.67
C CYS A 72 10.98 -12.07 -8.50
N GLU A 73 10.59 -12.73 -9.59
CA GLU A 73 11.53 -13.46 -10.43
C GLU A 73 12.32 -12.49 -11.31
N ASP A 74 13.63 -12.63 -11.29
CA ASP A 74 14.53 -11.71 -11.99
C ASP A 74 14.32 -11.79 -13.50
N LEU A 75 14.08 -10.63 -14.11
CA LEU A 75 13.94 -10.54 -15.56
C LEU A 75 15.22 -10.08 -16.26
N ARG A 76 16.33 -10.00 -15.53
CA ARG A 76 17.62 -9.62 -16.12
C ARG A 76 17.53 -8.32 -16.90
N LYS A 77 16.76 -7.36 -16.36
CA LYS A 77 16.62 -6.04 -16.94
C LYS A 77 16.59 -5.00 -15.83
N LYS A 78 17.04 -3.80 -16.15
CA LYS A 78 17.22 -2.71 -15.20
C LYS A 78 16.47 -1.48 -15.67
N GLU A 79 15.96 -0.68 -14.73
CA GLU A 79 15.35 0.59 -15.11
C GLU A 79 15.42 1.57 -13.96
N ASP A 80 15.29 2.85 -14.31
CA ASP A 80 15.29 3.92 -13.33
C ASP A 80 14.16 3.76 -12.33
N CYS A 81 14.49 3.88 -11.05
CA CYS A 81 13.49 3.78 -10.00
C CYS A 81 13.81 4.77 -8.89
N ARG A 82 12.76 5.19 -8.17
CA ARG A 82 12.87 6.07 -7.02
C ARG A 82 11.80 5.79 -5.97
N LYS A 83 12.17 5.99 -4.71
CA LYS A 83 11.27 5.90 -3.57
C LYS A 83 10.58 7.25 -3.36
N GLY A 84 9.25 7.23 -3.38
CA GLY A 84 8.49 8.46 -3.31
C GLY A 84 7.69 8.66 -4.58
N ASN A 85 6.37 8.63 -4.46
CA ASN A 85 5.51 8.72 -5.64
C ASN A 85 5.21 10.17 -5.98
N ALA B 7 6.55 10.28 1.51
CA ALA B 7 5.42 9.90 2.34
C ALA B 7 4.44 9.01 1.58
N ALA B 8 4.49 9.09 0.24
CA ALA B 8 3.67 8.26 -0.63
C ALA B 8 4.58 7.18 -1.20
N VAL B 9 4.73 6.08 -0.46
CA VAL B 9 5.69 5.03 -0.82
C VAL B 9 5.02 3.66 -0.78
N THR B 10 3.71 3.62 -0.64
CA THR B 10 2.96 2.37 -0.65
C THR B 10 1.76 2.50 -1.58
N CYS B 11 1.26 1.35 -2.02
CA CYS B 11 0.05 1.26 -2.83
C CYS B 11 -0.84 0.15 -2.29
N CYS B 12 -2.13 0.29 -2.56
CA CYS B 12 -3.12 -0.73 -2.21
C CYS B 12 -3.37 -1.61 -3.42
N TYR B 13 -3.19 -2.92 -3.24
CA TYR B 13 -3.44 -3.87 -4.32
C TYR B 13 -4.79 -4.56 -4.23
N ASN B 14 -5.42 -4.56 -3.07
CA ASN B 14 -6.79 -5.02 -2.91
C ASN B 14 -7.48 -4.15 -1.87
N PHE B 15 -8.80 -4.23 -1.83
CA PHE B 15 -9.59 -3.57 -0.79
C PHE B 15 -10.13 -4.61 0.18
N THR B 16 -10.35 -4.18 1.42
CA THR B 16 -11.14 -4.99 2.33
C THR B 16 -12.58 -5.03 1.81
N ASN B 17 -13.23 -6.16 2.06
CA ASN B 17 -14.59 -6.39 1.58
C ASN B 17 -15.62 -6.35 2.70
N ARG B 18 -15.24 -5.87 3.88
CA ARG B 18 -16.14 -5.75 5.01
C ARG B 18 -15.98 -4.38 5.65
N LYS B 19 -17.06 -3.89 6.24
CA LYS B 19 -17.01 -2.60 6.92
C LYS B 19 -16.22 -2.72 8.21
N ILE B 20 -15.41 -1.70 8.49
CA ILE B 20 -14.76 -1.57 9.78
C ILE B 20 -15.63 -0.69 10.67
N SER B 21 -16.01 -1.21 11.85
CA SER B 21 -16.74 -0.40 12.81
C SER B 21 -15.89 0.78 13.21
N VAL B 22 -16.53 1.95 13.35
CA VAL B 22 -15.76 3.18 13.45
C VAL B 22 -15.03 3.28 14.79
N GLN B 23 -15.50 2.53 15.80
CA GLN B 23 -14.80 2.47 17.08
C GLN B 23 -13.39 1.91 16.94
N ARG B 24 -13.12 1.13 15.88
CA ARG B 24 -11.79 0.59 15.64
C ARG B 24 -10.88 1.56 14.87
N LEU B 25 -11.42 2.66 14.37
CA LEU B 25 -10.68 3.52 13.45
C LEU B 25 -10.01 4.67 14.19
N ALA B 26 -8.76 4.95 13.83
CA ALA B 26 -7.98 6.01 14.44
C ALA B 26 -7.72 7.18 13.51
N SER B 27 -7.42 6.91 12.24
CA SER B 27 -7.09 7.94 11.27
C SER B 27 -7.15 7.31 9.88
N TYR B 28 -6.93 8.12 8.85
CA TYR B 28 -6.93 7.61 7.50
C TYR B 28 -6.03 8.47 6.63
N ARG B 29 -5.58 7.87 5.54
CA ARG B 29 -4.84 8.56 4.48
C ARG B 29 -5.43 8.15 3.16
N ARG B 30 -5.45 9.07 2.21
CA ARG B 30 -5.94 8.78 0.87
C ARG B 30 -4.78 8.47 -0.06
N ILE B 31 -4.93 7.42 -0.85
CA ILE B 31 -4.07 7.15 -2.00
C ILE B 31 -4.76 7.75 -3.21
N THR B 32 -4.26 8.89 -3.69
CA THR B 32 -4.78 9.48 -4.92
C THR B 32 -3.78 9.41 -6.07
N SER B 33 -2.54 8.99 -5.79
CA SER B 33 -1.52 8.92 -6.81
C SER B 33 -1.94 7.99 -7.95
N SER B 34 -1.88 8.51 -9.18
CA SER B 34 -2.12 7.70 -10.35
C SER B 34 -1.03 6.66 -10.58
N LYS B 35 0.04 6.69 -9.79
CA LYS B 35 1.09 5.67 -9.92
C LYS B 35 0.68 4.35 -9.28
N CYS B 36 -0.31 4.36 -8.39
CA CYS B 36 -0.81 3.14 -7.78
C CYS B 36 -1.85 2.49 -8.69
N PRO B 37 -2.15 1.21 -8.47
CA PRO B 37 -3.12 0.53 -9.36
C PRO B 37 -4.51 1.12 -9.29
N LYS B 38 -4.90 1.64 -8.14
CA LYS B 38 -6.23 2.19 -7.95
C LYS B 38 -6.18 3.19 -6.81
N GLU B 39 -7.07 4.18 -6.88
CA GLU B 39 -7.23 5.08 -5.75
C GLU B 39 -7.82 4.32 -4.56
N ALA B 40 -7.35 4.67 -3.37
CA ALA B 40 -7.69 3.90 -2.18
C ALA B 40 -7.77 4.83 -0.98
N VAL B 41 -8.34 4.30 0.10
CA VAL B 41 -8.26 4.90 1.42
C VAL B 41 -7.59 3.89 2.32
N ILE B 42 -6.56 4.32 3.06
CA ILE B 42 -5.89 3.48 4.05
C ILE B 42 -6.34 3.93 5.43
N PHE B 43 -7.07 3.06 6.13
CA PHE B 43 -7.44 3.32 7.52
C PHE B 43 -6.37 2.76 8.44
N LYS B 44 -6.00 3.56 9.43
CA LYS B 44 -5.14 3.11 10.53
C LYS B 44 -6.05 2.85 11.73
N THR B 45 -6.01 1.63 12.26
CA THR B 45 -6.91 1.28 13.35
C THR B 45 -6.28 1.65 14.70
N ILE B 46 -7.05 1.44 15.77
CA ILE B 46 -6.60 1.78 17.11
C ILE B 46 -5.48 0.87 17.61
N VAL B 47 -5.16 -0.20 16.88
CA VAL B 47 -3.99 -1.00 17.19
C VAL B 47 -2.96 -0.92 16.06
N ALA B 48 -3.00 0.17 15.29
CA ALA B 48 -2.00 0.53 14.28
C ALA B 48 -1.96 -0.42 13.10
N LYS B 49 -3.05 -1.13 12.83
CA LYS B 49 -3.17 -1.86 11.57
C LYS B 49 -3.52 -0.89 10.45
N GLU B 50 -2.97 -1.16 9.27
CA GLU B 50 -3.19 -0.34 8.08
C GLU B 50 -4.02 -1.17 7.11
N ILE B 51 -5.22 -0.72 6.79
CA ILE B 51 -6.19 -1.50 6.02
C ILE B 51 -6.60 -0.70 4.78
N CYS B 52 -6.40 -1.30 3.60
CA CYS B 52 -6.83 -0.68 2.35
C CYS B 52 -8.33 -0.83 2.13
N ALA B 53 -8.96 0.26 1.66
CA ALA B 53 -10.41 0.29 1.51
C ALA B 53 -10.83 1.05 0.26
N ASP B 54 -12.03 0.72 -0.24
CA ASP B 54 -12.54 1.27 -1.50
C ASP B 54 -13.10 2.68 -1.27
N PRO B 55 -12.57 3.71 -1.94
CA PRO B 55 -13.10 5.06 -1.75
C PRO B 55 -14.56 5.20 -2.14
N LYS B 56 -15.10 4.28 -2.92
CA LYS B 56 -16.47 4.40 -3.43
C LYS B 56 -17.53 3.78 -2.53
N GLN B 57 -17.15 3.09 -1.43
CA GLN B 57 -18.16 2.52 -0.55
C GLN B 57 -18.62 3.60 0.45
N LYS B 58 -19.94 3.66 0.72
CA LYS B 58 -20.45 4.61 1.72
C LYS B 58 -19.71 4.50 3.06
N TRP B 59 -19.52 3.29 3.57
CA TRP B 59 -18.95 3.21 4.93
C TRP B 59 -17.56 3.85 4.99
N VAL B 60 -16.81 3.76 3.90
CA VAL B 60 -15.50 4.40 3.83
C VAL B 60 -15.66 5.91 3.88
N GLN B 61 -16.62 6.44 3.11
CA GLN B 61 -16.84 7.88 3.09
C GLN B 61 -17.42 8.36 4.41
N ASP B 62 -18.37 7.62 4.97
CA ASP B 62 -18.92 7.98 6.28
C ASP B 62 -17.87 7.95 7.37
N SER B 63 -16.90 7.03 7.28
CA SER B 63 -15.89 6.91 8.31
C SER B 63 -14.89 8.07 8.28
N MET B 64 -14.54 8.52 7.08
CA MET B 64 -13.70 9.73 6.98
C MET B 64 -14.42 10.94 7.54
N ASP B 65 -15.71 11.09 7.20
CA ASP B 65 -16.51 12.16 7.77
C ASP B 65 -16.48 12.13 9.28
N HIS B 66 -16.71 10.95 9.87
CA HIS B 66 -16.78 10.84 11.32
C HIS B 66 -15.43 11.16 11.96
N LEU B 67 -14.35 10.67 11.37
CA LEU B 67 -13.02 10.96 11.90
C LEU B 67 -12.71 12.45 11.82
N ASP B 68 -13.09 13.09 10.71
CA ASP B 68 -12.83 14.52 10.57
C ASP B 68 -13.61 15.33 11.60
N LYS B 69 -14.85 14.91 11.89
CA LYS B 69 -15.66 15.63 12.87
C LYS B 69 -15.05 15.52 14.27
N GLN B 70 -14.54 14.34 14.63
CA GLN B 70 -13.88 14.17 15.92
C GLN B 70 -12.67 15.09 16.03
N THR B 71 -11.81 15.10 15.02
CA THR B 71 -10.64 15.97 15.05
C THR B 71 -11.04 17.44 15.19
N GLN B 72 -12.20 17.82 14.65
CA GLN B 72 -12.60 19.22 14.61
C GLN B 72 -13.29 19.70 15.87
N THR B 73 -13.99 18.80 16.57
CA THR B 73 -14.75 19.17 17.77
C THR B 73 -14.38 18.25 18.93
N PRO B 74 -13.17 18.36 19.46
CA PRO B 74 -12.85 17.65 20.70
C PRO B 74 -13.49 18.34 21.88
N LYS B 75 -13.81 17.56 22.90
CA LYS B 75 -14.39 18.06 24.13
C LYS B 75 -13.40 17.80 25.27
N THR B 76 -13.14 18.82 26.07
CA THR B 76 -12.26 18.67 27.22
C THR B 76 -13.03 18.15 28.42
#